data_9B1R
#
_entry.id   9B1R
#
_cell.length_a   145.543
_cell.length_b   145.543
_cell.length_c   145.543
_cell.angle_alpha   90.000
_cell.angle_beta   90.000
_cell.angle_gamma   90.000
#
_symmetry.space_group_name_H-M   'P 21 3'
#
loop_
_entity.id
_entity.type
_entity.pdbx_description
1 polymer 'Vacuolar-sorting receptor 1'
2 branched 2-acetamido-2-deoxy-beta-D-glucopyranose-(1-4)-2-acetamido-2-deoxy-beta-D-glucopyranose
#
_entity_poly.entity_id   1
_entity_poly.type   'polypeptide(L)'
_entity_poly.pdbx_seq_one_letter_code
;FVVEKNNLKVTSPDSIKGIYECAIGNFGVPQYGGTLVGTVVYPKSNQKACKSYSDFDISFKSKPGRLPTFVLIDRGDCYF
TLKAWIAQQAGAAAILVADSKAEPLITMDTPEEDKSDADYLQNITIPSALITKTLGDSIKSALSGGDMVNMKLDWTESVP
HPDERVEYELWTNSNDECGKKCDTQIEFLKNFKGAAQILEKGGHTQFTPHYITWYCPEAFTLSKQCKSQCINHGRYCAPD
PEQDFTKGYDGKDVVVQNLRQACVYRVMNDTGKPWVWWDYVTDFAIRCPMKEKKYTKECADGIIKSLGIDLKKVDKCIGD
PEADVENPVLKAEQESQIGKGSRGDVTILPTLVVNNRQYRGKLEKGAVLKAMCSGFQESTEPAICLTEDLETNECLENNG
GCWQDKAANITACRDTFRGRLCECPTVQGVKFVGDGYTHCKASGALHCGINNGGCWRESRGGFTYSACVDDHSKDCKCPL
GFKGDGVKNCEDVDECKEKTVCQCPECKCKNTWGSYECSCSNGLLYMREHDTCIGSGKVGTTKLSWSFLWILIIGVGVAG
LS
;
_entity_poly.pdbx_strand_id   A
#
loop_
_chem_comp.id
_chem_comp.type
_chem_comp.name
_chem_comp.formula
NAG D-saccharide, beta linking 2-acetamido-2-deoxy-beta-D-glucopyranose 'C8 H15 N O6'
#
# COMPACT_ATOMS: atom_id res chain seq x y z
N PHE A 1 -11.79 -8.20 15.18
CA PHE A 1 -11.47 -8.15 16.60
C PHE A 1 -9.95 -7.97 16.82
N VAL A 2 -9.48 -6.72 16.75
CA VAL A 2 -8.05 -6.42 16.83
C VAL A 2 -7.63 -6.35 18.30
N VAL A 3 -6.49 -6.96 18.62
CA VAL A 3 -6.00 -7.11 19.99
C VAL A 3 -4.82 -6.16 20.20
N GLU A 4 -4.95 -5.25 21.17
CA GLU A 4 -3.83 -4.43 21.59
C GLU A 4 -3.81 -4.29 23.10
N LYS A 5 -2.60 -4.12 23.64
CA LYS A 5 -2.43 -3.88 25.07
C LYS A 5 -2.61 -2.40 25.41
N ASN A 6 -1.81 -1.52 24.78
CA ASN A 6 -1.87 -0.09 25.06
C ASN A 6 -3.26 0.48 24.83
N ASN A 7 -4.11 -0.22 24.06
CA ASN A 7 -5.47 0.25 23.83
C ASN A 7 -6.22 0.43 25.16
N LEU A 8 -6.14 -0.54 26.06
CA LEU A 8 -6.94 -0.53 27.29
C LEU A 8 -6.05 -0.40 28.53
N LYS A 9 -6.03 0.80 29.10
CA LYS A 9 -5.38 1.11 30.37
C LYS A 9 -6.46 1.44 31.39
N VAL A 10 -6.15 1.23 32.67
CA VAL A 10 -7.13 1.41 33.73
C VAL A 10 -6.71 2.62 34.56
N THR A 11 -7.30 3.78 34.27
CA THR A 11 -7.27 4.92 35.18
C THR A 11 -7.61 4.43 36.58
N SER A 12 -7.00 5.06 37.56
CA SER A 12 -6.82 4.42 38.86
C SER A 12 -8.10 4.15 39.64
N PRO A 13 -8.41 2.86 39.95
CA PRO A 13 -8.56 2.49 41.36
C PRO A 13 -7.21 1.92 41.77
N ASP A 14 -6.38 2.72 42.45
CA ASP A 14 -4.92 2.54 42.45
C ASP A 14 -4.47 1.10 42.72
N SER A 15 -5.32 0.27 43.34
CA SER A 15 -4.95 -1.12 43.58
C SER A 15 -4.92 -1.96 42.31
N ILE A 16 -5.50 -1.48 41.22
CA ILE A 16 -5.55 -2.24 39.97
C ILE A 16 -5.25 -1.35 38.79
N LYS A 17 -4.60 -0.20 39.03
CA LYS A 17 -4.26 0.71 37.94
C LYS A 17 -3.20 0.07 37.06
N GLY A 18 -3.51 -0.11 35.78
CA GLY A 18 -2.57 -0.80 34.91
C GLY A 18 -3.01 -0.80 33.47
N ILE A 19 -2.18 -1.43 32.64
CA ILE A 19 -2.33 -1.44 31.19
C ILE A 19 -2.57 -2.89 30.77
N TYR A 20 -3.80 -3.20 30.36
CA TYR A 20 -4.23 -4.56 30.08
C TYR A 20 -4.54 -4.73 28.59
N GLU A 21 -4.46 -5.97 28.13
CA GLU A 21 -4.79 -6.26 26.74
C GLU A 21 -6.27 -6.59 26.62
N CYS A 22 -6.83 -6.30 25.45
CA CYS A 22 -8.25 -6.42 25.22
C CYS A 22 -8.47 -7.04 23.84
N ALA A 23 -9.71 -6.99 23.38
CA ALA A 23 -10.07 -7.42 22.04
C ALA A 23 -11.27 -6.59 21.61
N ILE A 24 -11.04 -5.66 20.69
CA ILE A 24 -12.05 -4.69 20.29
C ILE A 24 -12.69 -5.17 19.00
N GLY A 25 -14.01 -5.26 18.98
CA GLY A 25 -14.71 -5.55 17.73
C GLY A 25 -14.73 -4.32 16.85
N ASN A 26 -14.61 -4.54 15.54
CA ASN A 26 -14.44 -3.43 14.60
C ASN A 26 -15.66 -2.52 14.56
N PHE A 27 -16.82 -3.03 14.96
CA PHE A 27 -18.03 -2.23 15.05
C PHE A 27 -17.96 -1.27 16.24
N GLY A 28 -18.61 -0.12 16.08
CA GLY A 28 -18.69 0.85 17.14
C GLY A 28 -17.46 1.72 17.33
N VAL A 29 -16.42 1.54 16.52
CA VAL A 29 -15.20 2.31 16.62
C VAL A 29 -15.04 3.08 15.32
N PRO A 30 -14.84 4.39 15.34
CA PRO A 30 -14.86 5.18 14.11
C PRO A 30 -13.58 5.02 13.31
N GLN A 31 -13.59 5.62 12.11
CA GLN A 31 -12.46 5.52 11.20
C GLN A 31 -11.21 6.17 11.77
N TYR A 32 -11.38 7.29 12.47
CA TYR A 32 -10.25 8.06 12.94
C TYR A 32 -9.76 7.53 14.28
N GLY A 33 -8.46 7.65 14.51
CA GLY A 33 -7.92 7.32 15.81
C GLY A 33 -8.42 8.30 16.86
N GLY A 34 -8.75 7.75 18.03
CA GLY A 34 -9.29 8.58 19.09
C GLY A 34 -9.09 7.93 20.43
N THR A 35 -9.55 8.62 21.47
CA THR A 35 -9.40 8.09 22.82
C THR A 35 -10.66 8.36 23.62
N LEU A 36 -11.03 7.39 24.45
CA LEU A 36 -12.30 7.39 25.18
C LEU A 36 -12.01 7.05 26.63
N VAL A 37 -12.31 8.01 27.51
CA VAL A 37 -12.17 7.85 28.96
C VAL A 37 -13.57 7.70 29.55
N GLY A 38 -13.71 6.85 30.54
CA GLY A 38 -14.96 6.71 31.23
C GLY A 38 -14.78 6.02 32.55
N THR A 39 -15.89 5.53 33.11
CA THR A 39 -15.88 4.76 34.33
C THR A 39 -16.87 3.61 34.21
N VAL A 40 -16.63 2.56 35.01
CA VAL A 40 -17.31 1.28 34.85
C VAL A 40 -18.50 1.19 35.79
N VAL A 41 -19.62 0.70 35.26
CA VAL A 41 -20.81 0.38 36.05
C VAL A 41 -21.22 -1.04 35.73
N TYR A 42 -21.37 -1.85 36.78
CA TYR A 42 -21.73 -3.26 36.64
C TYR A 42 -23.17 -3.47 37.12
N PRO A 43 -24.14 -3.63 36.23
CA PRO A 43 -25.53 -3.76 36.67
C PRO A 43 -25.77 -5.05 37.43
N LYS A 44 -26.63 -4.97 38.46
CA LYS A 44 -26.91 -6.15 39.27
C LYS A 44 -27.77 -7.16 38.51
N SER A 45 -28.59 -6.71 37.56
CA SER A 45 -29.48 -7.56 36.81
C SER A 45 -29.42 -7.21 35.33
N ASN A 46 -29.89 -8.13 34.49
CA ASN A 46 -29.69 -8.07 33.04
C ASN A 46 -28.21 -8.01 32.70
N GLN A 47 -27.45 -8.94 33.29
CA GLN A 47 -26.00 -8.91 33.19
C GLN A 47 -25.48 -9.57 31.93
N LYS A 48 -26.31 -10.36 31.26
CA LYS A 48 -25.97 -10.82 29.92
C LYS A 48 -26.20 -9.71 28.90
N ALA A 49 -27.03 -8.72 29.24
CA ALA A 49 -27.41 -7.64 28.33
C ALA A 49 -28.18 -8.16 27.13
N CYS A 50 -28.82 -9.32 27.26
CA CYS A 50 -29.61 -9.91 26.17
C CYS A 50 -31.03 -9.40 26.14
N LYS A 51 -31.65 -9.21 27.30
CA LYS A 51 -32.92 -8.51 27.36
C LYS A 51 -32.68 -7.00 27.39
N SER A 52 -33.75 -6.23 27.17
CA SER A 52 -33.62 -4.80 27.00
C SER A 52 -33.43 -4.11 28.35
N TYR A 53 -32.41 -3.25 28.44
CA TYR A 53 -32.12 -2.59 29.70
C TYR A 53 -33.31 -1.79 30.21
N SER A 54 -34.10 -1.23 29.28
CA SER A 54 -35.29 -0.48 29.67
C SER A 54 -36.26 -1.31 30.49
N ASP A 55 -36.33 -2.63 30.22
CA ASP A 55 -37.29 -3.47 30.91
C ASP A 55 -37.03 -3.50 32.41
N PHE A 56 -35.78 -3.27 32.82
CA PHE A 56 -35.39 -3.32 34.21
C PHE A 56 -35.28 -1.94 34.84
N ASP A 57 -35.68 -0.90 34.11
CA ASP A 57 -35.58 0.48 34.57
C ASP A 57 -34.12 0.89 34.81
N ILE A 58 -33.19 0.23 34.11
CA ILE A 58 -31.77 0.56 34.17
C ILE A 58 -31.44 1.53 33.03
N SER A 59 -30.72 2.59 33.36
CA SER A 59 -30.31 3.58 32.37
C SER A 59 -28.92 4.10 32.71
N PHE A 60 -28.19 4.54 31.68
CA PHE A 60 -26.81 4.97 31.85
C PHE A 60 -26.57 6.41 31.44
N LYS A 61 -27.63 7.19 31.24
CA LYS A 61 -27.47 8.56 30.75
C LYS A 61 -26.73 9.42 31.77
N SER A 62 -25.80 10.25 31.28
CA SER A 62 -24.90 11.01 32.15
C SER A 62 -25.35 12.45 32.34
N LYS A 63 -24.99 12.97 33.51
CA LYS A 63 -25.04 14.39 33.81
C LYS A 63 -23.80 15.05 33.25
N PRO A 64 -23.73 16.39 33.21
CA PRO A 64 -22.56 17.06 32.63
C PRO A 64 -21.39 17.08 33.60
N GLY A 65 -20.18 17.12 33.01
CA GLY A 65 -18.96 16.96 33.79
C GLY A 65 -18.74 15.57 34.32
N ARG A 66 -19.67 14.65 34.07
CA ARG A 66 -19.62 13.29 34.57
C ARG A 66 -18.93 12.39 33.55
N LEU A 67 -18.19 11.40 34.05
CA LEU A 67 -17.48 10.50 33.16
C LEU A 67 -18.46 9.60 32.42
N PRO A 68 -18.23 9.33 31.13
CA PRO A 68 -19.11 8.41 30.40
C PRO A 68 -19.04 7.02 30.99
N THR A 69 -20.12 6.25 30.80
CA THR A 69 -20.29 5.00 31.52
C THR A 69 -19.86 3.81 30.67
N PHE A 70 -19.06 2.92 31.27
CA PHE A 70 -18.62 1.66 30.67
C PHE A 70 -19.40 0.54 31.35
N VAL A 71 -20.28 -0.12 30.63
CA VAL A 71 -21.10 -1.18 31.22
CA VAL A 71 -21.11 -1.18 31.20
C VAL A 71 -20.31 -2.48 31.20
N LEU A 72 -20.31 -3.19 32.33
CA LEU A 72 -19.63 -4.48 32.45
C LEU A 72 -20.63 -5.58 32.17
N ILE A 73 -20.53 -6.18 30.98
CA ILE A 73 -21.45 -7.23 30.56
C ILE A 73 -20.76 -8.57 30.72
N ASP A 74 -21.52 -9.59 31.13
CA ASP A 74 -21.02 -10.95 31.16
C ASP A 74 -21.40 -11.64 29.85
N ARG A 75 -20.46 -12.40 29.27
CA ARG A 75 -20.78 -13.04 28.02
C ARG A 75 -21.74 -14.20 28.22
N GLY A 76 -22.55 -14.47 27.21
CA GLY A 76 -23.46 -15.58 27.20
C GLY A 76 -24.76 -15.20 26.53
N ASP A 77 -25.49 -16.24 26.08
CA ASP A 77 -26.89 -16.12 25.67
C ASP A 77 -27.11 -15.23 24.44
N CYS A 78 -26.15 -14.39 24.06
CA CYS A 78 -26.30 -13.58 22.86
C CYS A 78 -24.94 -13.01 22.45
N TYR A 79 -24.85 -12.62 21.18
CA TYR A 79 -23.62 -12.08 20.59
C TYR A 79 -23.22 -10.75 21.23
N PHE A 80 -21.93 -10.43 21.09
CA PHE A 80 -21.43 -9.14 21.54
C PHE A 80 -22.16 -8.00 20.84
N THR A 81 -22.39 -8.13 19.53
CA THR A 81 -23.06 -7.08 18.79
C THR A 81 -24.40 -6.69 19.43
N LEU A 82 -25.16 -7.67 19.91
CA LEU A 82 -26.42 -7.34 20.57
C LEU A 82 -26.16 -6.72 21.93
N LYS A 83 -25.23 -7.28 22.72
CA LYS A 83 -24.86 -6.66 23.98
C LYS A 83 -24.49 -5.20 23.80
N ALA A 84 -23.65 -4.91 22.79
CA ALA A 84 -23.22 -3.53 22.56
C ALA A 84 -24.41 -2.65 22.17
N TRP A 85 -25.30 -3.17 21.31
CA TRP A 85 -26.47 -2.40 20.90
C TRP A 85 -27.40 -2.14 22.08
N ILE A 86 -27.73 -3.20 22.84
CA ILE A 86 -28.59 -3.05 24.02
C ILE A 86 -28.04 -1.98 24.94
N ALA A 87 -26.75 -2.10 25.28
CA ALA A 87 -26.09 -1.12 26.15
C ALA A 87 -26.16 0.27 25.54
N GLN A 88 -25.87 0.39 24.24
CA GLN A 88 -25.93 1.68 23.57
C GLN A 88 -27.29 2.33 23.74
N GLN A 89 -28.35 1.54 23.54
CA GLN A 89 -29.70 2.08 23.68
C GLN A 89 -29.91 2.68 25.06
N ALA A 90 -29.47 1.98 26.10
CA ALA A 90 -29.68 2.44 27.46
C ALA A 90 -28.86 3.68 27.80
N GLY A 91 -27.88 4.05 26.98
CA GLY A 91 -27.11 5.25 27.22
C GLY A 91 -25.67 4.99 27.56
N ALA A 92 -25.15 3.85 27.14
CA ALA A 92 -23.76 3.52 27.42
C ALA A 92 -22.85 4.21 26.42
N ALA A 93 -21.62 4.51 26.87
CA ALA A 93 -20.60 5.02 25.97
C ALA A 93 -19.62 3.94 25.53
N ALA A 94 -19.53 2.85 26.27
CA ALA A 94 -18.72 1.70 25.89
C ALA A 94 -19.26 0.48 26.63
N ILE A 95 -18.64 -0.66 26.36
CA ILE A 95 -19.06 -1.94 26.91
C ILE A 95 -17.82 -2.78 27.15
N LEU A 96 -17.73 -3.39 28.33
CA LEU A 96 -16.64 -4.29 28.68
C LEU A 96 -17.24 -5.67 28.92
N VAL A 97 -16.97 -6.60 28.01
CA VAL A 97 -17.52 -7.94 28.09
C VAL A 97 -16.48 -8.86 28.74
N ALA A 98 -16.83 -9.40 29.90
CA ALA A 98 -15.90 -10.21 30.68
C ALA A 98 -15.98 -11.67 30.23
N ASP A 99 -15.22 -12.53 30.91
CA ASP A 99 -15.17 -13.95 30.55
C ASP A 99 -15.62 -14.87 31.68
N ALA A 118 -28.69 -9.43 11.97
CA ALA A 118 -27.92 -9.20 10.75
C ALA A 118 -28.50 -8.04 9.93
N ASP A 119 -28.78 -6.91 10.58
CA ASP A 119 -29.37 -5.76 9.90
C ASP A 119 -29.09 -4.43 10.60
N TYR A 120 -29.36 -4.36 11.92
CA TYR A 120 -29.08 -3.19 12.73
C TYR A 120 -27.60 -2.97 13.00
N LEU A 121 -26.74 -3.85 12.48
CA LEU A 121 -25.33 -3.85 12.86
C LEU A 121 -24.67 -2.53 12.53
N GLN A 122 -25.13 -1.86 11.47
CA GLN A 122 -24.56 -0.57 11.11
C GLN A 122 -24.76 0.45 12.22
N ASN A 123 -25.90 0.38 12.91
CA ASN A 123 -26.30 1.39 13.89
C ASN A 123 -25.61 1.23 15.25
N ILE A 124 -24.51 0.48 15.36
CA ILE A 124 -23.78 0.30 16.61
C ILE A 124 -22.58 1.23 16.60
N THR A 125 -22.51 2.16 17.56
CA THR A 125 -21.50 3.21 17.53
C THR A 125 -20.73 3.37 18.83
N ILE A 126 -20.86 2.45 19.78
CA ILE A 126 -20.06 2.57 20.99
C ILE A 126 -18.98 1.50 20.96
N PRO A 127 -17.77 1.81 21.43
CA PRO A 127 -16.69 0.83 21.40
C PRO A 127 -17.04 -0.38 22.26
N SER A 128 -16.63 -1.55 21.80
CA SER A 128 -16.88 -2.80 22.49
C SER A 128 -15.55 -3.50 22.70
N ALA A 129 -15.25 -3.86 23.95
CA ALA A 129 -13.98 -4.50 24.28
C ALA A 129 -14.20 -5.74 25.13
N LEU A 130 -13.48 -6.80 24.82
CA LEU A 130 -13.51 -8.03 25.61
C LEU A 130 -12.33 -8.03 26.56
N ILE A 131 -12.54 -8.56 27.77
CA ILE A 131 -11.52 -8.55 28.80
C ILE A 131 -11.39 -9.94 29.40
N THR A 132 -10.28 -10.13 30.12
CA THR A 132 -10.04 -11.37 30.85
C THR A 132 -11.08 -11.54 31.95
N LYS A 133 -11.38 -12.80 32.28
CA LYS A 133 -12.15 -13.04 33.50
C LYS A 133 -11.35 -12.61 34.73
N THR A 134 -10.06 -12.91 34.74
CA THR A 134 -9.21 -12.47 35.85
C THR A 134 -9.23 -10.94 35.97
N LEU A 135 -9.28 -10.23 34.84
CA LEU A 135 -9.42 -8.77 34.88
C LEU A 135 -10.83 -8.35 35.23
N GLY A 136 -11.84 -8.99 34.63
CA GLY A 136 -13.21 -8.66 34.94
C GLY A 136 -13.52 -8.85 36.41
N ASP A 137 -13.00 -9.91 37.01
CA ASP A 137 -13.19 -10.12 38.43
C ASP A 137 -12.52 -9.03 39.26
N SER A 138 -11.33 -8.58 38.84
CA SER A 138 -10.66 -7.49 39.56
C SER A 138 -11.54 -6.25 39.62
N ILE A 139 -12.10 -5.85 38.48
CA ILE A 139 -12.97 -4.69 38.45
C ILE A 139 -14.18 -4.90 39.33
N LYS A 140 -14.73 -6.12 39.34
CA LYS A 140 -15.96 -6.40 40.08
C LYS A 140 -15.73 -6.26 41.58
N SER A 141 -14.60 -6.77 42.07
CA SER A 141 -14.30 -6.65 43.49
C SER A 141 -13.88 -5.23 43.84
N ALA A 142 -13.02 -4.62 43.02
CA ALA A 142 -12.71 -3.21 43.20
C ALA A 142 -13.97 -2.37 43.28
N LEU A 143 -14.94 -2.65 42.41
CA LEU A 143 -16.21 -1.92 42.47
C LEU A 143 -16.97 -2.23 43.75
N SER A 144 -17.01 -3.50 44.16
CA SER A 144 -17.81 -3.89 45.32
C SER A 144 -17.25 -3.29 46.61
N GLY A 145 -15.94 -3.02 46.65
CA GLY A 145 -15.39 -2.28 47.77
C GLY A 145 -15.78 -0.82 47.79
N GLY A 146 -16.18 -0.27 46.64
CA GLY A 146 -16.61 1.11 46.52
C GLY A 146 -15.77 1.99 45.62
N ASP A 147 -14.75 1.47 44.95
CA ASP A 147 -13.80 2.29 44.22
C ASP A 147 -14.30 2.57 42.80
N MET A 148 -14.31 3.84 42.41
CA MET A 148 -14.52 4.18 41.02
C MET A 148 -13.49 3.50 40.15
N VAL A 149 -13.92 2.69 39.20
CA VAL A 149 -13.01 2.04 38.27
C VAL A 149 -13.11 2.80 36.94
N ASN A 150 -12.23 3.78 36.76
CA ASN A 150 -12.21 4.51 35.51
C ASN A 150 -11.34 3.80 34.47
N MET A 151 -11.40 4.29 33.23
CA MET A 151 -10.81 3.60 32.10
C MET A 151 -10.23 4.60 31.11
N LYS A 152 -9.45 4.09 30.17
CA LYS A 152 -8.99 4.85 29.01
C LYS A 152 -8.78 3.87 27.86
N LEU A 153 -9.25 4.23 26.68
CA LEU A 153 -9.33 3.32 25.53
C LEU A 153 -8.87 4.04 24.27
N ASP A 154 -7.63 3.81 23.85
CA ASP A 154 -7.12 4.41 22.63
C ASP A 154 -7.34 3.47 21.45
N TRP A 155 -7.22 4.03 20.25
CA TRP A 155 -7.15 3.24 19.02
C TRP A 155 -6.62 4.12 17.90
N THR A 156 -6.07 3.46 16.89
CA THR A 156 -5.49 4.15 15.74
C THR A 156 -6.51 4.26 14.62
N GLU A 157 -6.21 5.13 13.66
CA GLU A 157 -7.07 5.26 12.50
C GLU A 157 -7.18 3.91 11.79
N SER A 158 -8.24 3.77 11.01
CA SER A 158 -8.56 2.48 10.43
C SER A 158 -7.65 2.17 9.26
N VAL A 159 -7.00 1.01 9.32
CA VAL A 159 -6.25 0.49 8.19
C VAL A 159 -7.21 -0.35 7.36
N PRO A 160 -7.18 -0.27 6.03
CA PRO A 160 -8.15 -1.03 5.23
C PRO A 160 -7.87 -2.51 5.33
N HIS A 161 -8.92 -3.31 5.38
CA HIS A 161 -8.71 -4.73 5.34
C HIS A 161 -8.08 -5.11 4.01
N PRO A 162 -7.11 -6.03 3.98
CA PRO A 162 -6.42 -6.33 2.72
C PRO A 162 -7.32 -6.98 1.68
N ASP A 163 -8.41 -7.61 2.11
CA ASP A 163 -9.36 -8.12 1.13
C ASP A 163 -10.11 -6.99 0.43
N GLU A 164 -10.09 -5.80 0.98
CA GLU A 164 -10.86 -4.69 0.44
C GLU A 164 -10.06 -3.86 -0.56
N ARG A 165 -8.78 -4.16 -0.77
CA ARG A 165 -7.96 -3.32 -1.60
C ARG A 165 -8.17 -3.63 -3.08
N VAL A 166 -8.00 -2.60 -3.91
CA VAL A 166 -8.20 -2.70 -5.36
C VAL A 166 -6.98 -3.33 -6.00
N GLU A 167 -7.21 -4.24 -6.95
CA GLU A 167 -6.14 -4.90 -7.69
C GLU A 167 -6.05 -4.25 -9.07
N TYR A 168 -5.00 -3.48 -9.33
CA TYR A 168 -4.72 -3.06 -10.69
C TYR A 168 -3.38 -3.62 -11.14
N GLU A 169 -3.19 -3.68 -12.46
CA GLU A 169 -2.03 -4.28 -13.08
C GLU A 169 -1.73 -3.52 -14.36
N LEU A 170 -0.45 -3.34 -14.64
CA LEU A 170 -0.08 -2.56 -15.83
C LEU A 170 0.87 -3.36 -16.70
N TRP A 171 0.54 -3.43 -17.99
CA TRP A 171 1.37 -4.07 -19.01
C TRP A 171 2.06 -2.96 -19.79
N THR A 172 3.34 -2.76 -19.49
CA THR A 172 4.06 -1.61 -19.97
C THR A 172 5.26 -2.07 -20.81
N ASN A 173 5.98 -1.10 -21.38
CA ASN A 173 7.27 -1.36 -22.00
C ASN A 173 8.29 -0.31 -21.56
N SER A 174 9.46 -0.79 -21.12
CA SER A 174 10.52 0.06 -20.57
C SER A 174 11.31 0.81 -21.63
N ASN A 175 11.35 0.29 -22.86
CA ASN A 175 12.08 0.95 -23.92
C ASN A 175 11.54 2.37 -24.13
N ASP A 176 12.43 3.25 -24.60
CA ASP A 176 12.13 4.67 -24.79
C ASP A 176 12.29 5.14 -26.23
N GLU A 177 13.16 4.50 -27.02
CA GLU A 177 13.39 4.84 -28.41
C GLU A 177 12.38 4.08 -29.28
N CYS A 178 11.11 4.45 -29.11
CA CYS A 178 9.97 3.89 -29.87
C CYS A 178 9.48 4.86 -30.93
N GLY A 179 9.16 6.07 -30.51
CA GLY A 179 8.28 7.02 -31.15
C GLY A 179 7.27 7.52 -30.14
N LYS A 180 6.14 8.02 -30.65
CA LYS A 180 5.12 8.58 -29.77
C LYS A 180 4.67 7.57 -28.73
N LYS A 181 4.52 6.30 -29.13
CA LYS A 181 3.89 5.31 -28.25
C LYS A 181 4.71 5.05 -27.00
N CYS A 182 6.03 5.18 -27.08
CA CYS A 182 6.83 4.95 -25.88
C CYS A 182 6.90 6.19 -25.01
N ASP A 183 6.94 7.38 -25.61
CA ASP A 183 6.94 8.58 -24.79
C ASP A 183 5.67 8.67 -23.94
N THR A 184 4.51 8.34 -24.52
CA THR A 184 3.26 8.46 -23.79
C THR A 184 3.22 7.52 -22.59
N GLN A 185 3.82 6.33 -22.74
CA GLN A 185 3.85 5.37 -21.64
C GLN A 185 4.70 5.89 -20.49
N ILE A 186 5.96 6.23 -20.79
CA ILE A 186 6.85 6.75 -19.76
C ILE A 186 6.27 8.02 -19.16
N GLU A 187 5.53 8.79 -19.97
CA GLU A 187 4.85 9.97 -19.46
C GLU A 187 3.80 9.60 -18.42
N PHE A 188 3.09 8.49 -18.64
CA PHE A 188 2.09 8.06 -17.67
C PHE A 188 2.73 7.60 -16.37
N LEU A 189 3.75 6.74 -16.47
CA LEU A 189 4.46 6.29 -15.28
C LEU A 189 4.91 7.46 -14.42
N LYS A 190 5.38 8.54 -15.06
CA LYS A 190 5.83 9.69 -14.31
C LYS A 190 4.67 10.45 -13.67
N ASN A 191 3.55 10.58 -14.37
CA ASN A 191 2.42 11.33 -13.80
C ASN A 191 1.71 10.54 -12.73
N PHE A 192 1.66 9.22 -12.85
CA PHE A 192 0.91 8.41 -11.91
C PHE A 192 1.73 8.02 -10.68
N LYS A 193 3.05 8.13 -10.74
CA LYS A 193 3.92 7.60 -9.70
C LYS A 193 3.50 8.04 -8.31
N GLY A 194 3.14 9.31 -8.15
CA GLY A 194 2.70 9.81 -6.86
C GLY A 194 1.47 9.10 -6.34
N ALA A 195 0.39 9.12 -7.12
CA ALA A 195 -0.82 8.42 -6.73
C ALA A 195 -0.59 6.93 -6.62
N ALA A 196 0.16 6.36 -7.56
CA ALA A 196 0.45 4.93 -7.49
C ALA A 196 1.05 4.57 -6.15
N GLN A 197 2.01 5.36 -5.68
CA GLN A 197 2.71 5.05 -4.43
C GLN A 197 1.81 5.30 -3.22
N ILE A 198 1.08 6.42 -3.21
CA ILE A 198 0.23 6.77 -2.08
C ILE A 198 -0.86 5.72 -1.89
N LEU A 199 -1.48 5.32 -3.00
CA LEU A 199 -2.51 4.28 -2.96
C LEU A 199 -1.99 3.02 -2.31
N GLU A 200 -0.76 2.63 -2.63
CA GLU A 200 -0.28 1.32 -2.21
C GLU A 200 0.33 1.38 -0.82
N LYS A 201 1.14 2.40 -0.55
CA LYS A 201 1.64 2.61 0.80
C LYS A 201 0.49 2.77 1.80
N GLY A 202 -0.61 3.39 1.38
CA GLY A 202 -1.76 3.49 2.26
C GLY A 202 -2.52 2.20 2.45
N GLY A 203 -2.18 1.15 1.72
CA GLY A 203 -2.85 -0.12 1.88
C GLY A 203 -4.21 -0.21 1.21
N HIS A 204 -4.38 0.42 0.05
CA HIS A 204 -5.62 0.36 -0.68
C HIS A 204 -5.52 -0.37 -2.02
N THR A 205 -4.31 -0.67 -2.52
CA THR A 205 -4.18 -1.24 -3.86
C THR A 205 -3.08 -2.31 -3.90
N GLN A 206 -3.34 -3.40 -4.62
CA GLN A 206 -2.27 -4.35 -4.98
C GLN A 206 -1.92 -4.16 -6.46
N PHE A 207 -0.83 -3.44 -6.72
CA PHE A 207 -0.37 -3.20 -8.08
C PHE A 207 0.72 -4.18 -8.45
N THR A 208 0.56 -4.83 -9.61
CA THR A 208 1.58 -5.71 -10.18
C THR A 208 1.88 -5.25 -11.60
N PRO A 209 3.12 -4.91 -11.93
CA PRO A 209 3.46 -4.64 -13.33
C PRO A 209 3.76 -5.91 -14.09
N HIS A 210 3.55 -5.83 -15.41
CA HIS A 210 3.80 -6.97 -16.29
C HIS A 210 4.45 -6.47 -17.57
N TYR A 211 5.15 -7.39 -18.23
CA TYR A 211 5.78 -7.13 -19.51
C TYR A 211 5.42 -8.28 -20.43
N ILE A 212 5.62 -8.07 -21.73
CA ILE A 212 5.07 -8.98 -22.73
C ILE A 212 6.20 -9.47 -23.64
N THR A 213 6.27 -10.78 -23.84
CA THR A 213 7.28 -11.42 -24.67
C THR A 213 6.68 -12.61 -25.39
N TRP A 214 7.20 -12.87 -26.59
CA TRP A 214 6.76 -13.98 -27.41
C TRP A 214 7.91 -14.94 -27.59
N TYR A 215 7.61 -16.20 -27.87
CA TYR A 215 8.67 -17.16 -28.13
C TYR A 215 8.87 -17.34 -29.63
N CYS A 216 10.10 -17.68 -30.00
CA CYS A 216 10.49 -17.87 -31.40
C CYS A 216 9.88 -19.14 -32.00
N PRO A 217 9.15 -19.04 -33.11
CA PRO A 217 8.61 -20.25 -33.75
C PRO A 217 9.71 -21.20 -34.17
N GLU A 218 9.42 -22.49 -34.16
CA GLU A 218 10.41 -23.47 -34.60
C GLU A 218 10.93 -23.13 -36.00
N ALA A 219 10.09 -22.53 -36.85
CA ALA A 219 10.49 -22.21 -38.21
C ALA A 219 11.70 -21.28 -38.23
N PHE A 220 11.72 -20.28 -37.35
CA PHE A 220 12.78 -19.28 -37.30
C PHE A 220 13.70 -19.46 -36.10
N THR A 221 13.81 -20.68 -35.58
CA THR A 221 14.82 -20.94 -34.56
C THR A 221 16.20 -20.90 -35.21
N LEU A 222 17.17 -20.35 -34.48
CA LEU A 222 18.50 -20.00 -34.99
C LEU A 222 18.43 -19.02 -36.16
N SER A 223 17.33 -18.28 -36.26
CA SER A 223 17.21 -17.21 -37.25
C SER A 223 18.22 -16.10 -36.97
N LYS A 224 18.53 -15.34 -38.01
CA LYS A 224 19.23 -14.08 -37.81
C LYS A 224 18.38 -13.16 -36.95
N GLN A 225 17.08 -13.12 -37.22
CA GLN A 225 16.16 -12.25 -36.51
C GLN A 225 15.95 -12.71 -35.09
N CYS A 226 15.58 -13.98 -34.91
CA CYS A 226 15.35 -14.49 -33.56
C CYS A 226 16.57 -14.41 -32.69
N LYS A 227 17.77 -14.31 -33.27
CA LYS A 227 18.94 -14.22 -32.44
C LYS A 227 19.17 -12.82 -31.90
N SER A 228 18.80 -11.80 -32.66
CA SER A 228 18.89 -10.44 -32.14
C SER A 228 17.64 -10.00 -31.39
N GLN A 229 16.63 -10.87 -31.30
CA GLN A 229 15.38 -10.53 -30.62
C GLN A 229 15.17 -11.23 -29.30
N CYS A 230 15.76 -12.40 -29.10
CA CYS A 230 15.28 -13.36 -28.11
C CYS A 230 16.39 -13.80 -27.17
N ILE A 231 16.15 -13.71 -25.87
CA ILE A 231 17.05 -14.26 -24.86
C ILE A 231 16.61 -15.67 -24.48
N ASN A 232 17.52 -16.41 -23.84
CA ASN A 232 17.27 -17.77 -23.38
C ASN A 232 16.93 -18.70 -24.54
N HIS A 233 17.69 -18.58 -25.62
CA HIS A 233 17.59 -19.50 -26.77
C HIS A 233 16.19 -19.48 -27.37
N GLY A 234 15.62 -18.29 -27.47
CA GLY A 234 14.39 -18.09 -28.20
C GLY A 234 13.13 -18.07 -27.36
N ARG A 235 13.23 -18.35 -26.06
CA ARG A 235 12.01 -18.48 -25.27
C ARG A 235 11.28 -17.16 -25.09
N TYR A 236 12.00 -16.05 -25.05
CA TYR A 236 11.41 -14.75 -24.72
C TYR A 236 11.98 -13.73 -25.69
N CYS A 237 11.11 -13.11 -26.49
CA CYS A 237 11.51 -12.23 -27.58
C CYS A 237 10.82 -10.87 -27.44
N ALA A 238 11.41 -9.88 -28.11
CA ALA A 238 10.94 -8.50 -27.96
C ALA A 238 9.55 -8.33 -28.55
N PRO A 239 8.62 -7.67 -27.84
CA PRO A 239 7.22 -7.64 -28.30
C PRO A 239 7.01 -6.98 -29.66
N ASP A 240 7.65 -5.87 -29.91
CA ASP A 240 7.46 -5.22 -31.20
C ASP A 240 8.57 -5.70 -32.14
N PRO A 241 8.25 -6.08 -33.38
CA PRO A 241 9.31 -6.52 -34.30
C PRO A 241 9.98 -5.39 -35.07
N GLU A 242 10.11 -4.20 -34.43
CA GLU A 242 10.91 -3.07 -34.95
C GLU A 242 11.61 -2.40 -33.77
N GLN A 243 12.76 -2.94 -33.36
CA GLN A 243 13.56 -2.34 -32.29
C GLN A 243 14.64 -1.42 -32.82
N ASP A 244 14.45 -0.85 -34.02
CA ASP A 244 15.41 -0.02 -34.74
C ASP A 244 16.85 -0.27 -34.30
N PHE A 245 17.41 -1.42 -34.70
CA PHE A 245 18.76 -1.82 -34.34
C PHE A 245 19.79 -0.77 -34.70
N THR A 246 19.38 0.25 -35.47
CA THR A 246 20.25 1.38 -35.77
C THR A 246 20.74 2.08 -34.51
N LYS A 247 19.91 2.13 -33.47
CA LYS A 247 20.33 2.70 -32.19
C LYS A 247 21.46 1.93 -31.54
N GLY A 248 21.74 0.71 -32.00
CA GLY A 248 22.76 -0.13 -31.43
C GLY A 248 22.25 -1.14 -30.42
N TYR A 249 20.95 -1.19 -30.18
CA TYR A 249 20.37 -2.01 -29.13
C TYR A 249 19.39 -2.98 -29.77
N ASP A 250 19.69 -4.28 -29.69
CA ASP A 250 18.84 -5.30 -30.28
C ASP A 250 17.51 -5.40 -29.53
N GLY A 251 16.59 -6.13 -30.14
CA GLY A 251 15.36 -6.46 -29.43
C GLY A 251 15.61 -7.28 -28.20
N LYS A 252 16.68 -8.08 -28.19
CA LYS A 252 17.00 -8.85 -27.00
C LYS A 252 17.51 -7.97 -25.87
N ASP A 253 18.07 -6.80 -26.17
CA ASP A 253 18.49 -5.91 -25.09
C ASP A 253 17.29 -5.36 -24.34
N VAL A 254 16.19 -5.09 -25.06
CA VAL A 254 14.96 -4.66 -24.42
C VAL A 254 14.40 -5.77 -23.54
N VAL A 255 14.44 -7.01 -24.03
CA VAL A 255 13.88 -8.11 -23.25
C VAL A 255 14.58 -8.20 -21.91
N VAL A 256 15.90 -8.03 -21.91
CA VAL A 256 16.66 -8.14 -20.68
C VAL A 256 16.32 -6.99 -19.74
N GLN A 257 16.23 -5.77 -20.28
CA GLN A 257 15.92 -4.62 -19.43
C GLN A 257 14.55 -4.76 -18.80
N ASN A 258 13.55 -5.16 -19.59
CA ASN A 258 12.24 -5.42 -19.02
C ASN A 258 12.31 -6.49 -17.94
N LEU A 259 13.04 -7.57 -18.20
CA LEU A 259 13.15 -8.64 -17.21
C LEU A 259 13.75 -8.09 -15.92
N ARG A 260 14.74 -7.20 -16.03
CA ARG A 260 15.32 -6.58 -14.84
C ARG A 260 14.28 -5.79 -14.07
N GLN A 261 13.43 -5.04 -14.79
CA GLN A 261 12.37 -4.27 -14.13
C GLN A 261 11.42 -5.20 -13.38
N ALA A 262 11.00 -6.29 -14.02
CA ALA A 262 10.11 -7.22 -13.34
C ALA A 262 10.78 -7.83 -12.12
N CYS A 263 12.09 -8.09 -12.21
CA CYS A 263 12.80 -8.63 -11.06
C CYS A 263 13.02 -7.58 -9.98
N VAL A 264 13.19 -6.31 -10.38
CA VAL A 264 13.17 -5.22 -9.40
C VAL A 264 11.86 -5.24 -8.63
N TYR A 265 10.75 -5.48 -9.33
CA TYR A 265 9.45 -5.53 -8.67
C TYR A 265 9.36 -6.72 -7.72
N ARG A 266 9.60 -7.93 -8.23
CA ARG A 266 9.57 -9.12 -7.39
C ARG A 266 10.43 -8.95 -6.14
N VAL A 267 11.69 -8.54 -6.31
CA VAL A 267 12.59 -8.39 -5.17
C VAL A 267 12.02 -7.39 -4.17
N MET A 268 11.50 -6.27 -4.67
CA MET A 268 10.97 -5.25 -3.77
C MET A 268 9.65 -5.67 -3.18
N ASN A 269 8.84 -6.44 -3.92
CA ASN A 269 7.58 -6.94 -3.38
C ASN A 269 7.84 -7.91 -2.24
N ASP A 270 8.88 -8.75 -2.37
CA ASP A 270 9.20 -9.72 -1.33
C ASP A 270 9.64 -9.05 -0.05
N THR A 271 10.17 -7.83 -0.15
CA THR A 271 10.61 -7.11 1.03
C THR A 271 9.55 -6.16 1.58
N GLY A 272 8.32 -6.24 1.07
CA GLY A 272 7.26 -5.40 1.58
C GLY A 272 7.24 -3.98 1.05
N LYS A 273 8.04 -3.66 0.05
CA LYS A 273 8.07 -2.33 -0.54
C LYS A 273 7.97 -2.40 -2.06
N PRO A 274 6.88 -2.95 -2.60
CA PRO A 274 6.73 -2.99 -4.06
C PRO A 274 6.75 -1.62 -4.71
N TRP A 275 6.24 -0.58 -4.04
CA TRP A 275 6.09 0.73 -4.67
C TRP A 275 7.41 1.31 -5.17
N VAL A 276 8.55 0.70 -4.83
CA VAL A 276 9.83 1.19 -5.30
C VAL A 276 10.03 0.96 -6.79
N TRP A 277 9.26 0.02 -7.37
CA TRP A 277 9.29 -0.15 -8.81
C TRP A 277 9.07 1.17 -9.54
N TRP A 278 8.11 1.97 -9.05
CA TRP A 278 7.81 3.25 -9.67
C TRP A 278 9.03 4.17 -9.66
N ASP A 279 9.78 4.19 -8.56
CA ASP A 279 11.02 4.96 -8.52
C ASP A 279 12.11 4.35 -9.39
N TYR A 280 12.07 3.04 -9.64
CA TYR A 280 13.07 2.43 -10.52
C TYR A 280 12.82 2.79 -11.97
N VAL A 281 11.60 2.52 -12.46
CA VAL A 281 11.34 2.64 -13.89
C VAL A 281 11.36 4.10 -14.32
N THR A 282 11.02 5.03 -13.42
CA THR A 282 11.14 6.42 -13.80
C THR A 282 12.60 6.88 -13.75
N ASP A 283 13.35 6.50 -12.72
CA ASP A 283 14.77 6.83 -12.71
C ASP A 283 15.51 6.14 -13.84
N PHE A 284 15.11 4.92 -14.21
CA PHE A 284 15.70 4.30 -15.39
C PHE A 284 15.45 5.14 -16.63
N ALA A 285 14.22 5.61 -16.78
CA ALA A 285 13.89 6.44 -17.93
C ALA A 285 14.77 7.68 -17.97
N ILE A 286 14.95 8.33 -16.82
CA ILE A 286 15.71 9.57 -16.76
C ILE A 286 17.20 9.29 -16.95
N ARG A 287 17.71 8.28 -16.26
CA ARG A 287 19.16 8.15 -16.11
C ARG A 287 19.79 7.24 -17.18
N CYS A 288 19.02 6.39 -17.83
CA CYS A 288 19.55 5.40 -18.76
C CYS A 288 18.90 5.51 -20.12
N PRO A 289 19.14 6.60 -20.83
CA PRO A 289 18.52 6.80 -22.14
C PRO A 289 19.23 6.00 -23.22
N MET A 290 18.48 5.71 -24.27
CA MET A 290 19.06 4.91 -25.34
C MET A 290 19.94 5.76 -26.25
N LYS A 291 19.52 7.00 -26.52
CA LYS A 291 20.26 7.86 -27.44
C LYS A 291 21.67 8.12 -26.94
N GLU A 292 21.84 8.26 -25.62
CA GLU A 292 23.15 8.47 -25.02
C GLU A 292 23.85 7.15 -24.69
N LYS A 293 23.39 6.03 -25.26
CA LYS A 293 24.04 4.74 -25.09
C LYS A 293 24.16 4.38 -23.61
N LYS A 294 23.08 4.55 -22.86
CA LYS A 294 23.05 4.22 -21.44
C LYS A 294 22.00 3.16 -21.12
N TYR A 295 21.51 2.45 -22.14
CA TYR A 295 20.58 1.33 -21.95
C TYR A 295 21.35 0.09 -21.54
N THR A 296 22.13 0.22 -20.48
CA THR A 296 23.16 -0.73 -20.11
C THR A 296 22.86 -1.33 -18.74
N LYS A 297 23.49 -2.49 -18.50
CA LYS A 297 23.43 -3.11 -17.18
C LYS A 297 24.03 -2.18 -16.13
N GLU A 298 25.21 -1.65 -16.42
CA GLU A 298 25.90 -0.80 -15.47
C GLU A 298 25.07 0.43 -15.12
N CYS A 299 24.33 0.97 -16.07
CA CYS A 299 23.44 2.09 -15.77
C CYS A 299 22.31 1.66 -14.85
N ALA A 300 21.64 0.55 -15.20
CA ALA A 300 20.56 0.04 -14.36
C ALA A 300 21.07 -0.27 -12.96
N ASP A 301 22.18 -1.01 -12.85
CA ASP A 301 22.76 -1.34 -11.56
C ASP A 301 23.11 -0.10 -10.76
N GLY A 302 23.40 1.01 -11.42
CA GLY A 302 23.57 2.25 -10.70
C GLY A 302 22.31 2.61 -9.93
N ILE A 303 21.16 2.51 -10.59
CA ILE A 303 19.90 2.85 -9.94
C ILE A 303 19.60 1.86 -8.84
N ILE A 304 20.03 0.61 -9.00
CA ILE A 304 19.78 -0.38 -7.98
C ILE A 304 20.56 -0.03 -6.70
N LYS A 305 21.76 0.54 -6.83
CA LYS A 305 22.43 1.09 -5.65
C LYS A 305 21.64 2.25 -5.07
N SER A 306 21.27 3.21 -5.91
CA SER A 306 20.61 4.43 -5.45
C SER A 306 19.39 4.10 -4.61
N LEU A 307 18.48 3.32 -5.20
CA LEU A 307 17.30 2.90 -4.46
C LEU A 307 17.64 1.91 -3.37
N GLY A 308 18.86 1.40 -3.33
CA GLY A 308 19.23 0.46 -2.28
C GLY A 308 18.59 -0.89 -2.42
N ILE A 309 18.32 -1.34 -3.65
CA ILE A 309 17.75 -2.65 -3.89
C ILE A 309 18.85 -3.71 -3.84
N ASP A 310 18.46 -4.95 -3.58
CA ASP A 310 19.42 -6.04 -3.48
C ASP A 310 19.82 -6.51 -4.87
N LEU A 311 21.04 -6.17 -5.29
CA LEU A 311 21.49 -6.57 -6.62
C LEU A 311 21.66 -8.08 -6.71
N LYS A 312 22.16 -8.72 -5.65
CA LYS A 312 22.32 -10.18 -5.68
C LYS A 312 20.99 -10.87 -5.96
N LYS A 313 19.91 -10.42 -5.33
CA LYS A 313 18.61 -11.03 -5.59
C LYS A 313 18.09 -10.68 -6.98
N VAL A 314 18.18 -9.41 -7.37
CA VAL A 314 17.72 -9.01 -8.70
C VAL A 314 18.49 -9.77 -9.77
N ASP A 315 19.82 -9.81 -9.66
CA ASP A 315 20.63 -10.50 -10.66
C ASP A 315 20.31 -11.98 -10.70
N LYS A 316 20.01 -12.58 -9.54
CA LYS A 316 19.69 -14.00 -9.53
C LYS A 316 18.32 -14.26 -10.15
N CYS A 317 17.38 -13.33 -9.97
CA CYS A 317 16.08 -13.45 -10.62
C CYS A 317 16.21 -13.37 -12.14
N ILE A 318 17.09 -12.50 -12.63
CA ILE A 318 17.29 -12.36 -14.06
C ILE A 318 17.91 -13.63 -14.63
N GLY A 319 18.83 -14.24 -13.89
CA GLY A 319 19.43 -15.47 -14.33
C GLY A 319 20.47 -15.23 -15.41
N ASP A 320 20.62 -16.23 -16.27
CA ASP A 320 21.62 -16.29 -17.33
C ASP A 320 20.90 -16.20 -18.66
N PRO A 321 20.57 -15.00 -19.14
CA PRO A 321 19.74 -14.88 -20.34
C PRO A 321 20.38 -15.45 -21.60
N GLU A 322 21.50 -16.15 -21.45
CA GLU A 322 22.16 -16.81 -22.57
C GLU A 322 22.10 -18.33 -22.51
N ALA A 323 21.54 -18.90 -21.45
CA ALA A 323 21.55 -20.33 -21.26
C ALA A 323 20.26 -20.93 -21.80
N ASP A 324 20.37 -22.11 -22.41
CA ASP A 324 19.23 -22.93 -22.80
C ASP A 324 18.37 -23.34 -21.61
N VAL A 325 17.71 -22.38 -20.96
CA VAL A 325 16.90 -22.64 -19.77
C VAL A 325 15.70 -21.72 -19.81
N GLU A 326 14.69 -22.06 -19.02
CA GLU A 326 13.56 -21.18 -18.84
C GLU A 326 13.92 -20.04 -17.88
N ASN A 327 13.10 -18.99 -17.90
CA ASN A 327 13.23 -17.92 -16.92
C ASN A 327 11.91 -17.75 -16.20
N PRO A 328 11.79 -18.33 -15.01
CA PRO A 328 10.49 -18.41 -14.32
C PRO A 328 9.68 -17.12 -14.35
N VAL A 329 10.33 -15.97 -14.15
CA VAL A 329 9.58 -14.72 -14.18
C VAL A 329 9.06 -14.46 -15.59
N LEU A 330 9.94 -14.55 -16.60
CA LEU A 330 9.50 -14.35 -17.98
C LEU A 330 8.50 -15.41 -18.43
N LYS A 331 8.60 -16.63 -17.90
CA LYS A 331 7.62 -17.65 -18.23
C LYS A 331 6.29 -17.38 -17.56
N ALA A 332 6.33 -16.87 -16.32
CA ALA A 332 5.09 -16.53 -15.63
C ALA A 332 4.38 -15.37 -16.31
N GLU A 333 5.15 -14.41 -16.84
CA GLU A 333 4.57 -13.27 -17.56
C GLU A 333 3.89 -13.73 -18.84
N GLN A 334 4.49 -14.69 -19.56
CA GLN A 334 3.85 -15.18 -20.77
C GLN A 334 2.56 -15.92 -20.43
N GLU A 335 2.49 -16.51 -19.24
CA GLU A 335 1.28 -17.20 -18.82
C GLU A 335 0.27 -16.23 -18.23
N SER A 336 0.74 -15.14 -17.61
CA SER A 336 -0.20 -14.12 -17.14
C SER A 336 -0.90 -13.42 -18.28
N GLN A 337 -0.25 -13.32 -19.44
CA GLN A 337 -0.89 -12.62 -20.55
C GLN A 337 -2.17 -13.31 -21.00
N ILE A 338 -2.23 -14.65 -20.91
CA ILE A 338 -3.48 -15.33 -21.19
C ILE A 338 -4.45 -15.07 -20.05
N GLY A 339 -5.52 -14.34 -20.35
CA GLY A 339 -6.51 -14.04 -19.33
C GLY A 339 -7.19 -15.31 -18.83
N LYS A 340 -7.36 -15.38 -17.52
CA LYS A 340 -8.13 -16.42 -16.88
C LYS A 340 -9.47 -15.84 -16.44
N GLY A 341 -10.44 -16.72 -16.29
CA GLY A 341 -11.76 -16.27 -15.89
C GLY A 341 -12.34 -15.35 -16.93
N SER A 342 -12.74 -14.16 -16.51
CA SER A 342 -13.58 -13.30 -17.32
C SER A 342 -12.80 -12.24 -18.09
N ARG A 343 -11.64 -11.81 -17.58
CA ARG A 343 -10.77 -10.91 -18.34
C ARG A 343 -10.19 -11.64 -19.55
N GLY A 344 -10.01 -10.90 -20.64
CA GLY A 344 -9.45 -11.48 -21.84
C GLY A 344 -7.94 -11.63 -21.77
N ASP A 345 -7.38 -12.18 -22.85
CA ASP A 345 -5.94 -12.15 -23.04
C ASP A 345 -5.48 -10.71 -23.25
N VAL A 346 -4.36 -10.35 -22.63
CA VAL A 346 -3.78 -9.03 -22.86
C VAL A 346 -3.04 -9.06 -24.19
N THR A 347 -3.49 -8.25 -25.13
CA THR A 347 -2.91 -8.22 -26.47
C THR A 347 -2.46 -6.84 -26.91
N ILE A 348 -2.81 -5.78 -26.19
CA ILE A 348 -2.45 -4.42 -26.55
C ILE A 348 -1.39 -3.90 -25.57
N LEU A 349 -0.38 -3.22 -26.10
CA LEU A 349 0.56 -2.47 -25.27
C LEU A 349 0.26 -0.98 -25.38
N PRO A 350 -0.05 -0.31 -24.28
CA PRO A 350 -0.09 -0.84 -22.91
C PRO A 350 -1.46 -1.43 -22.61
N THR A 351 -1.61 -2.13 -21.49
CA THR A 351 -2.93 -2.50 -21.02
C THR A 351 -3.02 -2.29 -19.52
N LEU A 352 -4.07 -1.60 -19.10
CA LEU A 352 -4.37 -1.43 -17.69
C LEU A 352 -5.52 -2.34 -17.33
N VAL A 353 -5.35 -3.13 -16.29
CA VAL A 353 -6.40 -3.98 -15.77
C VAL A 353 -6.67 -3.55 -14.34
N VAL A 354 -7.94 -3.34 -14.03
CA VAL A 354 -8.39 -2.99 -12.70
C VAL A 354 -9.44 -4.00 -12.31
N ASN A 355 -9.19 -4.76 -11.24
CA ASN A 355 -10.09 -5.80 -10.75
C ASN A 355 -10.44 -6.80 -11.85
N ASN A 356 -9.39 -7.41 -12.40
CA ASN A 356 -9.50 -8.44 -13.44
C ASN A 356 -10.48 -8.03 -14.55
N ARG A 357 -10.46 -6.76 -14.90
CA ARG A 357 -11.21 -6.26 -16.04
C ARG A 357 -10.35 -5.23 -16.75
N GLN A 358 -10.29 -5.30 -18.07
CA GLN A 358 -9.36 -4.47 -18.81
C GLN A 358 -9.90 -3.06 -18.94
N TYR A 359 -9.09 -2.08 -18.53
CA TYR A 359 -9.44 -0.68 -18.67
C TYR A 359 -9.32 -0.28 -20.13
N ARG A 360 -10.34 0.38 -20.66
CA ARG A 360 -10.31 0.82 -22.06
C ARG A 360 -10.50 2.33 -22.20
N GLY A 361 -10.21 3.09 -21.15
CA GLY A 361 -10.35 4.53 -21.19
C GLY A 361 -9.04 5.22 -21.47
N LYS A 362 -9.06 6.55 -21.34
CA LYS A 362 -7.85 7.33 -21.57
C LYS A 362 -6.82 6.97 -20.49
N LEU A 363 -5.54 6.95 -20.86
CA LEU A 363 -4.49 6.69 -19.87
C LEU A 363 -4.00 8.01 -19.28
N GLU A 364 -4.90 8.67 -18.55
CA GLU A 364 -4.63 9.87 -17.79
C GLU A 364 -4.81 9.55 -16.31
N LYS A 365 -4.05 10.23 -15.45
CA LYS A 365 -4.26 10.04 -14.01
C LYS A 365 -5.70 10.27 -13.62
N GLY A 366 -6.26 11.42 -14.03
CA GLY A 366 -7.64 11.71 -13.67
C GLY A 366 -8.57 10.61 -14.11
N ALA A 367 -8.44 10.16 -15.36
CA ALA A 367 -9.29 9.10 -15.88
C ALA A 367 -9.09 7.81 -15.11
N VAL A 368 -7.83 7.41 -14.91
CA VAL A 368 -7.50 6.14 -14.26
C VAL A 368 -7.92 6.14 -12.79
N LEU A 369 -7.82 7.29 -12.12
CA LEU A 369 -8.13 7.32 -10.69
C LEU A 369 -9.62 7.15 -10.44
N LYS A 370 -10.45 7.78 -11.27
CA LYS A 370 -11.89 7.55 -11.16
C LYS A 370 -12.21 6.08 -11.35
N ALA A 371 -11.51 5.41 -12.28
CA ALA A 371 -11.82 4.02 -12.55
C ALA A 371 -11.56 3.15 -11.34
N MET A 372 -10.63 3.53 -10.49
CA MET A 372 -10.26 2.72 -9.34
C MET A 372 -11.05 3.12 -8.09
N CYS A 373 -11.25 4.43 -7.87
CA CYS A 373 -11.99 4.86 -6.69
C CYS A 373 -13.43 4.41 -6.72
N SER A 374 -13.91 3.91 -7.84
CA SER A 374 -15.21 3.26 -7.88
C SER A 374 -15.16 1.88 -7.26
N GLY A 375 -13.98 1.29 -7.18
CA GLY A 375 -13.80 0.02 -6.50
C GLY A 375 -13.75 0.11 -5.00
N PHE A 376 -13.90 1.30 -4.45
CA PHE A 376 -13.92 1.51 -3.02
C PHE A 376 -15.34 1.78 -2.57
N GLN A 377 -15.64 1.44 -1.32
CA GLN A 377 -16.94 1.75 -0.78
C GLN A 377 -16.96 3.19 -0.30
N GLU A 378 -18.10 3.86 -0.46
CA GLU A 378 -18.16 5.26 -0.07
C GLU A 378 -17.78 5.42 1.40
N SER A 379 -17.01 6.46 1.69
CA SER A 379 -16.42 6.69 3.00
C SER A 379 -15.44 5.60 3.41
N THR A 380 -15.07 4.71 2.50
CA THR A 380 -13.82 3.97 2.58
C THR A 380 -12.84 4.52 1.55
N GLU A 381 -13.24 5.60 0.90
CA GLU A 381 -12.46 6.20 -0.17
C GLU A 381 -11.13 6.71 0.36
N PRO A 382 -10.00 6.34 -0.24
CA PRO A 382 -8.72 6.93 0.17
C PRO A 382 -8.72 8.42 -0.05
N ALA A 383 -7.81 9.12 0.64
CA ALA A 383 -7.73 10.56 0.46
C ALA A 383 -7.39 10.91 -0.98
N ILE A 384 -6.46 10.15 -1.59
CA ILE A 384 -5.98 10.42 -2.95
C ILE A 384 -7.12 10.52 -3.96
N CYS A 385 -8.30 9.96 -3.64
CA CYS A 385 -9.48 10.04 -4.50
C CYS A 385 -10.19 11.38 -4.37
N LEU A 386 -10.04 12.08 -3.25
CA LEU A 386 -10.79 13.28 -2.96
C LEU A 386 -9.92 14.53 -2.90
N THR A 387 -8.64 14.43 -3.25
CA THR A 387 -7.80 15.61 -3.09
C THR A 387 -6.50 15.41 -3.85
N GLU A 388 -5.95 16.54 -4.33
CA GLU A 388 -4.67 16.56 -5.01
C GLU A 388 -3.61 17.23 -4.16
N ASP A 389 -3.98 17.63 -2.94
CA ASP A 389 -3.11 18.26 -1.96
C ASP A 389 -2.34 17.20 -1.17
N LEU A 390 -1.54 16.40 -1.89
CA LEU A 390 -0.85 15.26 -1.31
C LEU A 390 0.60 15.19 -1.80
N GLU A 391 1.37 14.26 -1.22
CA GLU A 391 2.80 14.22 -1.42
C GLU A 391 3.33 12.84 -1.04
N THR A 392 4.29 12.34 -1.83
CA THR A 392 4.96 11.09 -1.48
C THR A 392 5.91 11.34 -0.30
N ASN A 393 6.22 10.28 0.45
CA ASN A 393 7.01 10.41 1.68
C ASN A 393 8.36 9.71 1.54
N GLU A 394 8.96 9.80 0.34
CA GLU A 394 10.10 8.97 -0.02
C GLU A 394 11.44 9.56 0.38
N CYS A 395 11.54 10.89 0.52
CA CYS A 395 12.78 11.53 0.91
C CYS A 395 13.13 11.29 2.38
N LEU A 396 12.23 10.70 3.17
CA LEU A 396 12.56 10.36 4.55
C LEU A 396 13.45 9.13 4.63
N GLU A 397 13.56 8.38 3.55
CA GLU A 397 14.38 7.18 3.51
C GLU A 397 15.53 7.43 2.56
N ASN A 398 16.74 7.50 3.12
CA ASN A 398 17.95 7.45 2.31
C ASN A 398 18.00 8.59 1.31
N ASN A 399 17.36 9.72 1.65
CA ASN A 399 17.29 10.86 0.73
C ASN A 399 16.70 10.47 -0.62
N GLY A 400 15.80 9.49 -0.60
CA GLY A 400 15.13 9.02 -1.80
C GLY A 400 16.05 8.49 -2.87
N GLY A 401 17.33 8.34 -2.56
CA GLY A 401 18.31 7.93 -3.53
C GLY A 401 18.91 9.04 -4.35
N CYS A 402 18.65 10.30 -3.98
CA CYS A 402 19.19 11.46 -4.69
C CYS A 402 20.41 12.02 -3.98
N TRP A 403 21.22 12.75 -4.75
CA TRP A 403 22.39 13.43 -4.23
C TRP A 403 22.02 14.37 -3.10
N GLN A 404 22.86 14.42 -2.06
CA GLN A 404 22.67 15.37 -0.98
C GLN A 404 24.03 15.95 -0.61
N ASP A 405 24.06 16.66 0.50
CA ASP A 405 25.32 17.20 1.05
C ASP A 405 25.04 17.47 2.53
N LYS A 406 25.25 16.44 3.35
CA LYS A 406 24.91 16.51 4.77
C LYS A 406 25.58 17.70 5.43
N ALA A 407 26.80 18.04 5.00
CA ALA A 407 27.55 19.13 5.60
C ALA A 407 26.90 20.49 5.37
N ALA A 408 26.03 20.61 4.36
CA ALA A 408 25.39 21.88 4.04
C ALA A 408 23.88 21.81 4.10
N ASN A 409 23.31 20.73 4.65
CA ASN A 409 21.86 20.60 4.83
C ASN A 409 21.10 20.63 3.50
N ILE A 410 21.81 20.66 2.34
CA ILE A 410 21.12 20.73 1.05
C ILE A 410 20.92 19.31 0.52
N THR A 411 19.89 19.16 -0.31
CA THR A 411 19.58 17.88 -0.93
C THR A 411 18.93 18.11 -2.29
N ALA A 412 19.04 17.09 -3.14
CA ALA A 412 18.39 17.10 -4.42
C ALA A 412 17.05 16.36 -4.38
N CYS A 413 16.66 15.85 -3.22
CA CYS A 413 15.43 15.10 -3.07
C CYS A 413 14.26 16.05 -2.84
N ARG A 414 13.25 15.96 -3.70
CA ARG A 414 12.00 16.69 -3.52
C ARG A 414 10.83 15.73 -3.70
N ASP A 415 9.82 15.86 -2.86
CA ASP A 415 8.66 14.98 -2.89
C ASP A 415 7.45 15.72 -3.42
N THR A 416 6.71 15.08 -4.33
CA THR A 416 5.73 15.75 -5.18
C THR A 416 4.47 14.91 -5.25
N PHE A 417 3.36 15.56 -5.58
CA PHE A 417 2.15 14.84 -5.94
C PHE A 417 2.38 13.85 -7.08
N ARG A 418 3.47 14.00 -7.84
CA ARG A 418 3.82 13.07 -8.89
C ARG A 418 5.04 12.23 -8.53
N GLY A 419 5.33 12.08 -7.25
CA GLY A 419 6.37 11.18 -6.80
C GLY A 419 7.61 11.91 -6.36
N ARG A 420 8.67 11.14 -6.11
CA ARG A 420 9.94 11.67 -5.65
C ARG A 420 10.83 12.07 -6.82
N LEU A 421 11.47 13.23 -6.71
CA LEU A 421 12.29 13.80 -7.76
C LEU A 421 13.71 14.07 -7.26
N CYS A 422 14.70 13.74 -8.06
CA CYS A 422 16.08 14.09 -7.76
C CYS A 422 16.48 15.19 -8.73
N GLU A 423 16.53 16.43 -8.24
CA GLU A 423 16.85 17.58 -9.07
C GLU A 423 17.77 18.51 -8.30
N CYS A 424 18.80 19.02 -8.98
CA CYS A 424 19.84 19.80 -8.34
C CYS A 424 19.25 21.06 -7.70
N PRO A 425 19.48 21.29 -6.40
CA PRO A 425 18.76 22.35 -5.71
C PRO A 425 19.26 23.74 -6.08
N THR A 426 18.37 24.72 -5.94
CA THR A 426 18.70 26.13 -6.10
C THR A 426 18.90 26.72 -4.71
N VAL A 427 20.16 26.98 -4.36
CA VAL A 427 20.53 27.41 -3.02
C VAL A 427 21.15 28.80 -3.09
N GLN A 428 20.65 29.71 -2.25
CA GLN A 428 20.98 31.13 -2.31
C GLN A 428 20.80 31.69 -3.72
N GLY A 429 19.70 31.29 -4.37
CA GLY A 429 19.40 31.72 -5.71
C GLY A 429 20.17 31.04 -6.82
N VAL A 430 21.20 30.26 -6.48
CA VAL A 430 22.06 29.62 -7.48
C VAL A 430 21.49 28.25 -7.85
N LYS A 431 20.96 28.14 -9.06
CA LYS A 431 20.52 26.85 -9.58
C LYS A 431 21.74 25.95 -9.76
N PHE A 432 21.87 24.92 -8.93
CA PHE A 432 22.98 23.99 -9.12
C PHE A 432 22.80 23.21 -10.41
N VAL A 433 23.91 22.75 -10.96
CA VAL A 433 23.91 22.03 -12.22
C VAL A 433 24.47 20.63 -11.99
N GLY A 434 23.88 19.65 -12.64
CA GLY A 434 24.22 18.26 -12.42
C GLY A 434 23.01 17.40 -12.66
N ASP A 435 23.11 16.14 -12.24
CA ASP A 435 22.07 15.16 -12.50
C ASP A 435 21.18 14.90 -11.30
N GLY A 436 21.59 15.32 -10.11
CA GLY A 436 20.76 15.19 -8.93
C GLY A 436 20.74 13.82 -8.30
N TYR A 437 21.25 12.79 -8.97
CA TYR A 437 21.40 11.48 -8.34
C TYR A 437 22.80 11.24 -7.83
N THR A 438 23.81 11.88 -8.44
CA THR A 438 25.21 11.59 -8.16
C THR A 438 26.11 12.82 -8.03
N HIS A 439 25.85 13.91 -8.75
CA HIS A 439 26.70 15.09 -8.64
C HIS A 439 25.88 16.35 -8.91
N CYS A 440 25.70 17.16 -7.88
CA CYS A 440 25.26 18.54 -8.02
C CYS A 440 26.40 19.47 -7.65
N LYS A 441 26.44 20.63 -8.28
CA LYS A 441 27.54 21.56 -8.06
C LYS A 441 27.10 22.94 -8.49
N ALA A 442 27.77 23.95 -7.93
CA ALA A 442 27.48 25.34 -8.23
C ALA A 442 27.95 25.71 -9.63
N SER A 443 27.16 26.54 -10.32
CA SER A 443 27.45 26.92 -11.70
C SER A 443 28.24 28.23 -11.79
N GLY A 444 27.82 29.14 -12.68
CA GLY A 444 28.53 30.38 -12.89
C GLY A 444 27.67 31.63 -12.73
N ALA A 445 28.07 32.73 -13.35
CA ALA A 445 27.36 33.99 -13.22
C ALA A 445 27.03 34.61 -14.59
C1 NAG B . 3.89 -10.05 -3.96
C2 NAG B . 3.66 -11.39 -4.63
C3 NAG B . 2.23 -11.85 -4.42
C4 NAG B . 1.96 -11.93 -2.92
C5 NAG B . 2.33 -10.63 -2.21
C6 NAG B . 2.32 -10.76 -0.71
C7 NAG B . 3.56 -10.82 -7.10
C8 NAG B . 2.39 -9.87 -6.87
N2 NAG B . 4.07 -11.46 -6.04
O3 NAG B . 2.01 -13.12 -5.03
O4 NAG B . 0.57 -12.19 -2.73
O5 NAG B . 3.66 -10.19 -2.56
O6 NAG B . 3.65 -10.85 -0.20
O7 NAG B . 4.02 -11.00 -8.22
C1 NAG B . 0.29 -13.54 -2.30
C2 NAG B . -1.05 -13.44 -1.60
C3 NAG B . -1.51 -14.82 -1.11
C4 NAG B . -1.48 -15.82 -2.25
C5 NAG B . -0.11 -15.83 -2.92
C6 NAG B . -0.07 -16.72 -4.15
C7 NAG B . -1.55 -11.28 -0.55
C8 NAG B . -2.34 -10.98 -1.80
N2 NAG B . -0.98 -12.49 -0.51
O3 NAG B . -2.84 -14.72 -0.61
O4 NAG B . -1.81 -17.12 -1.78
O5 NAG B . 0.22 -14.50 -3.36
O6 NAG B . -1.08 -16.36 -5.07
O7 NAG B . -1.46 -10.48 0.37
#